data_3HBF
#
_entry.id   3HBF
#
_cell.length_a   49.166
_cell.length_b   77.581
_cell.length_c   59.554
_cell.angle_alpha   90.00
_cell.angle_beta   96.25
_cell.angle_gamma   90.00
#
_symmetry.space_group_name_H-M   'P 1 21 1'
#
loop_
_entity.id
_entity.type
_entity.pdbx_description
1 polymer 'Flavonoid 3-O-glucosyltransferase'
2 non-polymer "URIDINE-5'-DIPHOSPHATE"
3 non-polymer 3,5,7-TRIHYDROXY-2-(3,4,5-TRIHYDROXYPHENYL)-4H-CHROMEN-4-ONE
4 water water
#
_entity_poly.entity_id   1
_entity_poly.type   'polypeptide(L)'
_entity_poly.pdbx_seq_one_letter_code
;MSTFKNEMNGNNLLHVAVLAFPFGTHAAPLLSLVKKIATEAPKVTFSFFCTTTTNDTLFSRSNEFLPNIKYYNVHDGLPK
GYVSSGNPREPIFLFIKAMQENFKHVIDEAVAETGKNITCLVTDAFFWFGADLAEEMHAKWVPLWTAGPHSLLTHVYTDL
IREKTGSKEVHDVKSIDVLPGFPELKASDLPEGVIKDIDVPFATMLHKMGLELPRANAVAINSFATIHPLIENELNSKFK
LLLNVGPFNLTTPQRKVSDEHGCLEWLDQHENSSVVYISFGSVVTPPPHELTALAESLEECGFPFIWSFRGDPKEKLPKG
FLERTKTKGKIVAWAPQVEILKHSSVGVFLTHSGWNSVLECIVGGVPMISRPFFGDQGLNTILTESVLEIGVGVDNGVLT
KESIKKALELTMSSEKGGIMRQKIVKLKESAFKAVEQNGTSAMDFTTLIQIVTS
;
_entity_poly.pdbx_strand_id   A
#
loop_
_chem_comp.id
_chem_comp.type
_chem_comp.name
_chem_comp.formula
MYC non-polymer 3,5,7-TRIHYDROXY-2-(3,4,5-TRIHYDROXYPHENYL)-4H-CHROMEN-4-ONE 'C15 H10 O8'
UDP RNA linking URIDINE-5'-DIPHOSPHATE 'C9 H14 N2 O12 P2'
#
# COMPACT_ATOMS: atom_id res chain seq x y z
N ASN A 12 8.73 20.97 -27.38
CA ASN A 12 8.38 20.10 -26.22
C ASN A 12 9.66 19.58 -25.55
N LEU A 13 10.14 20.32 -24.55
CA LEU A 13 11.36 19.94 -23.86
C LEU A 13 11.21 19.42 -22.44
N LEU A 14 10.00 19.37 -21.93
CA LEU A 14 9.77 18.88 -20.57
C LEU A 14 10.25 17.44 -20.37
N HIS A 15 10.87 17.19 -19.24
CA HIS A 15 11.39 15.85 -18.92
C HIS A 15 11.04 15.52 -17.46
N VAL A 16 10.24 14.48 -17.26
CA VAL A 16 9.83 14.07 -15.92
C VAL A 16 10.63 12.88 -15.41
N ALA A 17 11.36 13.09 -14.32
CA ALA A 17 12.16 12.03 -13.70
C ALA A 17 11.28 11.42 -12.61
N VAL A 18 11.13 10.09 -12.64
CA VAL A 18 10.29 9.36 -11.68
C VAL A 18 11.12 8.42 -10.80
N LEU A 19 11.22 8.73 -9.51
CA LEU A 19 11.99 7.90 -8.61
C LEU A 19 11.09 6.96 -7.81
N ALA A 20 11.25 5.67 -8.06
CA ALA A 20 10.44 4.65 -7.40
C ALA A 20 11.16 3.84 -6.34
N PHE A 21 10.42 3.46 -5.30
CA PHE A 21 10.95 2.63 -4.19
C PHE A 21 10.84 1.20 -4.70
N PRO A 22 11.96 0.47 -4.75
CA PRO A 22 11.89 -0.90 -5.25
C PRO A 22 11.27 -1.99 -4.37
N PHE A 23 10.89 -1.65 -3.14
CA PHE A 23 10.36 -2.67 -2.25
C PHE A 23 8.88 -2.48 -1.89
N GLY A 24 8.20 -3.61 -1.66
CA GLY A 24 6.79 -3.58 -1.32
C GLY A 24 5.94 -3.18 -2.52
N THR A 25 4.74 -2.66 -2.25
CA THR A 25 3.84 -2.23 -3.29
C THR A 25 3.98 -0.70 -3.41
N HIS A 26 5.06 -0.27 -4.06
CA HIS A 26 5.37 1.13 -4.23
C HIS A 26 5.65 1.51 -5.68
N ALA A 27 6.49 0.73 -6.35
CA ALA A 27 6.85 1.01 -7.75
C ALA A 27 5.69 0.86 -8.73
N ALA A 28 4.88 -0.18 -8.56
CA ALA A 28 3.75 -0.40 -9.46
C ALA A 28 2.73 0.74 -9.37
N PRO A 29 2.26 1.07 -8.16
CA PRO A 29 1.29 2.17 -8.08
C PRO A 29 1.86 3.49 -8.61
N LEU A 30 3.15 3.75 -8.35
CA LEU A 30 3.76 4.98 -8.85
C LEU A 30 3.76 4.93 -10.37
N LEU A 31 4.14 3.78 -10.92
CA LEU A 31 4.21 3.62 -12.38
C LEU A 31 2.82 3.79 -13.02
N SER A 32 1.78 3.24 -12.38
CA SER A 32 0.44 3.37 -12.92
C SER A 32 -0.03 4.83 -12.91
N LEU A 33 0.36 5.58 -11.88
CA LEU A 33 0.00 6.99 -11.82
C LEU A 33 0.73 7.67 -13.00
N VAL A 34 2.03 7.40 -13.12
CA VAL A 34 2.83 7.97 -14.19
C VAL A 34 2.27 7.66 -15.59
N LYS A 35 1.88 6.40 -15.82
CA LYS A 35 1.31 6.02 -17.11
C LYS A 35 0.05 6.82 -17.42
N LYS A 36 -0.81 7.00 -16.42
CA LYS A 36 -2.03 7.75 -16.62
C LYS A 36 -1.66 9.15 -17.13
N ILE A 37 -0.67 9.76 -16.48
CA ILE A 37 -0.22 11.09 -16.87
C ILE A 37 0.43 11.07 -18.25
N ALA A 38 1.29 10.08 -18.47
CA ALA A 38 2.02 9.93 -19.74
C ALA A 38 1.14 9.85 -20.99
N THR A 39 0.10 9.02 -20.96
CA THR A 39 -0.76 8.89 -22.14
C THR A 39 -1.42 10.23 -22.46
N GLU A 40 -1.72 10.99 -21.41
CA GLU A 40 -2.36 12.29 -21.54
C GLU A 40 -1.43 13.38 -22.06
N ALA A 41 -0.11 13.14 -21.98
CA ALA A 41 0.88 14.12 -22.44
C ALA A 41 1.93 13.43 -23.28
N PRO A 42 1.55 12.97 -24.47
CA PRO A 42 2.47 12.27 -25.37
C PRO A 42 3.72 13.04 -25.80
N LYS A 43 3.73 14.36 -25.59
CA LYS A 43 4.88 15.17 -25.98
C LYS A 43 5.93 15.35 -24.86
N VAL A 44 5.56 14.97 -23.65
CA VAL A 44 6.48 15.08 -22.51
C VAL A 44 7.24 13.75 -22.32
N THR A 45 8.52 13.86 -21.96
CA THR A 45 9.35 12.66 -21.75
C THR A 45 9.36 12.22 -20.28
N PHE A 46 9.14 10.93 -20.07
CA PHE A 46 9.15 10.35 -18.72
C PHE A 46 10.27 9.32 -18.55
N SER A 47 10.97 9.42 -17.43
CA SER A 47 12.06 8.50 -17.12
C SER A 47 11.76 7.86 -15.77
N PHE A 48 11.62 6.53 -15.79
CA PHE A 48 11.29 5.77 -14.60
C PHE A 48 12.54 5.10 -14.04
N PHE A 49 12.86 5.43 -12.79
CA PHE A 49 14.03 4.90 -12.12
C PHE A 49 13.73 3.96 -10.96
N CYS A 50 14.31 2.78 -11.03
CA CYS A 50 14.16 1.78 -10.01
C CYS A 50 15.28 0.79 -10.22
N THR A 51 15.26 -0.30 -9.45
CA THR A 51 16.30 -1.30 -9.59
C THR A 51 16.00 -2.21 -10.79
N THR A 52 17.05 -2.83 -11.32
CA THR A 52 16.91 -3.70 -12.48
C THR A 52 15.85 -4.74 -12.24
N THR A 53 15.91 -5.36 -11.07
CA THR A 53 14.96 -6.38 -10.65
C THR A 53 13.51 -5.88 -10.73
N THR A 54 13.24 -4.78 -10.04
CA THR A 54 11.90 -4.21 -10.03
C THR A 54 11.43 -3.75 -11.40
N ASN A 55 12.32 -3.14 -12.19
CA ASN A 55 11.94 -2.72 -13.54
C ASN A 55 11.64 -3.93 -14.43
N ASP A 56 12.44 -4.99 -14.29
CA ASP A 56 12.23 -6.18 -15.10
C ASP A 56 10.85 -6.74 -14.82
N THR A 57 10.45 -6.69 -13.55
CA THR A 57 9.13 -7.19 -13.15
C THR A 57 8.05 -6.29 -13.76
N LEU A 58 8.34 -4.99 -13.81
CA LEU A 58 7.40 -4.03 -14.37
C LEU A 58 7.60 -3.98 -15.88
N PHE A 59 6.83 -4.79 -16.60
CA PHE A 59 6.97 -4.80 -18.05
C PHE A 59 5.90 -5.62 -18.77
N SER A 60 5.59 -5.20 -20.00
CA SER A 60 4.60 -5.84 -20.86
C SER A 60 3.27 -6.09 -20.17
N ARG A 61 2.88 -5.18 -19.28
CA ARG A 61 1.62 -5.31 -18.56
C ARG A 61 0.52 -4.66 -19.40
N SER A 62 -0.67 -4.50 -18.83
CA SER A 62 -1.80 -3.89 -19.54
C SER A 62 -1.31 -2.91 -20.60
N ASN A 63 -0.68 -1.82 -20.16
CA ASN A 63 -0.13 -0.83 -21.09
C ASN A 63 1.26 -1.33 -21.48
N GLU A 64 1.29 -2.40 -22.29
CA GLU A 64 2.55 -3.00 -22.73
C GLU A 64 3.66 -1.97 -22.71
N PHE A 65 3.43 -0.85 -23.39
CA PHE A 65 4.42 0.20 -23.42
C PHE A 65 3.83 1.54 -23.84
N LEU A 66 4.50 2.60 -23.41
CA LEU A 66 4.12 3.96 -23.76
C LEU A 66 5.39 4.53 -24.37
N PRO A 67 5.29 5.09 -25.58
CA PRO A 67 6.45 5.67 -26.26
C PRO A 67 7.23 6.73 -25.48
N ASN A 68 6.57 7.45 -24.58
CA ASN A 68 7.30 8.49 -23.83
C ASN A 68 7.81 8.06 -22.44
N ILE A 69 7.75 6.76 -22.16
CA ILE A 69 8.25 6.24 -20.89
C ILE A 69 9.45 5.34 -21.12
N LYS A 70 10.60 5.73 -20.56
CA LYS A 70 11.82 4.93 -20.64
C LYS A 70 12.24 4.53 -19.22
N TYR A 71 12.67 3.29 -19.05
CA TYR A 71 13.11 2.78 -17.75
C TYR A 71 14.63 2.81 -17.62
N TYR A 72 15.10 3.14 -16.41
CA TYR A 72 16.54 3.17 -16.12
C TYR A 72 16.74 2.49 -14.79
N ASN A 73 17.85 1.76 -14.66
CA ASN A 73 18.13 1.02 -13.44
C ASN A 73 19.04 1.78 -12.47
N VAL A 74 18.56 2.03 -11.26
CA VAL A 74 19.36 2.71 -10.24
C VAL A 74 20.14 1.59 -9.54
N HIS A 75 21.37 1.85 -9.08
CA HIS A 75 22.17 0.83 -8.39
C HIS A 75 21.46 0.42 -7.09
N ASP A 76 21.45 -0.87 -6.79
CA ASP A 76 20.77 -1.40 -5.61
C ASP A 76 21.52 -1.39 -4.28
N GLY A 77 22.79 -0.99 -4.29
CA GLY A 77 23.58 -0.96 -3.05
C GLY A 77 24.01 -2.31 -2.52
N LEU A 78 23.85 -3.37 -3.29
CA LEU A 78 24.26 -4.70 -2.83
C LEU A 78 25.68 -5.06 -3.26
N PRO A 79 26.46 -5.68 -2.36
CA PRO A 79 27.83 -6.08 -2.66
C PRO A 79 27.81 -7.27 -3.60
N LYS A 80 28.82 -7.41 -4.46
CA LYS A 80 28.89 -8.53 -5.40
C LYS A 80 28.89 -9.84 -4.63
N GLY A 81 28.14 -10.81 -5.15
CA GLY A 81 28.05 -12.10 -4.49
C GLY A 81 27.36 -11.95 -3.14
N TYR A 82 26.28 -11.18 -3.13
CA TYR A 82 25.54 -10.96 -1.90
C TYR A 82 24.49 -12.05 -1.69
N VAL A 83 24.36 -12.48 -0.44
CA VAL A 83 23.40 -13.49 -0.06
C VAL A 83 22.75 -13.06 1.24
N SER A 84 21.46 -13.30 1.36
CA SER A 84 20.73 -12.92 2.57
C SER A 84 21.16 -13.77 3.76
N SER A 85 21.23 -13.15 4.93
CA SER A 85 21.61 -13.85 6.16
C SER A 85 20.94 -13.23 7.39
N GLY A 86 21.11 -11.92 7.56
CA GLY A 86 20.51 -11.24 8.69
C GLY A 86 19.00 -11.25 8.70
N ASN A 87 18.40 -10.38 7.89
CA ASN A 87 16.94 -10.29 7.78
C ASN A 87 16.60 -9.86 6.36
N PRO A 88 15.32 -10.02 5.97
CA PRO A 88 14.89 -9.63 4.63
C PRO A 88 14.84 -8.11 4.48
N ARG A 89 15.20 -7.40 5.54
CA ARG A 89 15.21 -5.94 5.53
C ARG A 89 16.61 -5.44 5.15
N GLU A 90 17.57 -6.36 5.21
CA GLU A 90 18.96 -6.07 4.91
C GLU A 90 19.14 -5.41 3.56
N PRO A 91 18.60 -6.01 2.49
CA PRO A 91 18.75 -5.38 1.16
C PRO A 91 18.07 -4.00 1.04
N ILE A 92 17.03 -3.79 1.84
CA ILE A 92 16.31 -2.52 1.84
C ILE A 92 17.24 -1.47 2.47
N PHE A 93 17.83 -1.83 3.61
CA PHE A 93 18.74 -0.92 4.30
C PHE A 93 19.92 -0.58 3.39
N LEU A 94 20.46 -1.59 2.70
CA LEU A 94 21.58 -1.37 1.79
C LEU A 94 21.14 -0.41 0.69
N PHE A 95 19.92 -0.57 0.19
CA PHE A 95 19.42 0.33 -0.84
C PHE A 95 19.33 1.76 -0.33
N ILE A 96 18.73 1.93 0.85
CA ILE A 96 18.57 3.26 1.44
C ILE A 96 19.91 3.97 1.65
N LYS A 97 20.94 3.20 1.97
CA LYS A 97 22.29 3.72 2.23
C LYS A 97 22.84 4.70 1.19
N ALA A 98 22.85 4.29 -0.08
CA ALA A 98 23.39 5.15 -1.12
C ALA A 98 22.40 5.57 -2.20
N MET A 99 21.10 5.48 -1.89
CA MET A 99 20.06 5.82 -2.85
C MET A 99 20.11 7.27 -3.39
N GLN A 100 20.40 8.25 -2.54
CA GLN A 100 20.43 9.62 -3.02
C GLN A 100 21.49 9.82 -4.10
N GLU A 101 22.70 9.33 -3.86
CA GLU A 101 23.77 9.48 -4.85
C GLU A 101 23.55 8.57 -6.07
N ASN A 102 23.02 7.39 -5.84
CA ASN A 102 22.77 6.47 -6.94
C ASN A 102 21.65 6.96 -7.85
N PHE A 103 20.63 7.60 -7.29
CA PHE A 103 19.56 8.11 -8.14
C PHE A 103 20.13 9.26 -8.98
N LYS A 104 21.03 10.06 -8.40
CA LYS A 104 21.63 11.15 -9.15
C LYS A 104 22.45 10.59 -10.31
N HIS A 105 23.17 9.51 -10.05
CA HIS A 105 23.99 8.88 -11.07
C HIS A 105 23.15 8.43 -12.25
N VAL A 106 22.17 7.59 -11.97
CA VAL A 106 21.32 7.08 -13.04
C VAL A 106 20.52 8.20 -13.71
N ILE A 107 20.26 9.29 -13.00
CA ILE A 107 19.51 10.40 -13.61
C ILE A 107 20.33 10.98 -14.76
N ASP A 108 21.64 11.02 -14.58
CA ASP A 108 22.54 11.53 -15.61
C ASP A 108 22.41 10.77 -16.93
N GLU A 109 22.14 9.46 -16.85
CA GLU A 109 21.99 8.60 -18.04
C GLU A 109 20.79 9.02 -18.88
N ALA A 110 19.67 9.28 -18.22
CA ALA A 110 18.44 9.69 -18.88
C ALA A 110 18.58 11.07 -19.51
N VAL A 111 19.22 12.00 -18.80
CA VAL A 111 19.42 13.35 -19.34
C VAL A 111 20.33 13.25 -20.56
N ALA A 112 21.41 12.48 -20.43
CA ALA A 112 22.34 12.28 -21.53
C ALA A 112 21.61 11.70 -22.73
N GLU A 113 20.88 10.61 -22.51
CA GLU A 113 20.15 9.98 -23.59
C GLU A 113 19.11 10.89 -24.28
N THR A 114 18.22 11.47 -23.49
CA THR A 114 17.15 12.31 -24.03
C THR A 114 17.59 13.70 -24.43
N GLY A 115 18.75 14.12 -23.93
CA GLY A 115 19.24 15.45 -24.26
C GLY A 115 18.45 16.56 -23.59
N LYS A 116 17.57 16.20 -22.66
CA LYS A 116 16.77 17.21 -21.98
C LYS A 116 16.96 17.14 -20.46
N ASN A 117 17.03 18.31 -19.83
CA ASN A 117 17.19 18.40 -18.39
C ASN A 117 15.85 18.11 -17.70
N ILE A 118 15.92 17.59 -16.48
CA ILE A 118 14.71 17.29 -15.71
C ILE A 118 13.94 18.55 -15.34
N THR A 119 12.64 18.53 -15.61
CA THR A 119 11.77 19.67 -15.31
C THR A 119 10.85 19.39 -14.13
N CYS A 120 10.59 18.11 -13.85
CA CYS A 120 9.74 17.72 -12.72
C CYS A 120 10.21 16.40 -12.13
N LEU A 121 10.33 16.36 -10.81
CA LEU A 121 10.77 15.14 -10.13
C LEU A 121 9.58 14.53 -9.39
N VAL A 122 9.05 13.44 -9.93
CA VAL A 122 7.95 12.74 -9.31
C VAL A 122 8.62 11.60 -8.53
N THR A 123 8.34 11.52 -7.23
CA THR A 123 8.99 10.50 -6.43
C THR A 123 8.06 9.85 -5.42
N ASP A 124 8.52 8.73 -4.89
CA ASP A 124 7.77 8.09 -3.83
C ASP A 124 7.99 9.08 -2.68
N ALA A 125 6.97 9.31 -1.86
CA ALA A 125 7.11 10.22 -0.73
C ALA A 125 8.24 9.80 0.22
N PHE A 126 8.60 8.52 0.22
CA PHE A 126 9.69 8.04 1.08
C PHE A 126 10.98 8.81 0.75
N PHE A 127 11.16 9.19 -0.50
CA PHE A 127 12.38 9.90 -0.91
C PHE A 127 12.38 11.37 -0.48
N TRP A 128 12.75 11.57 0.78
CA TRP A 128 12.81 12.91 1.37
C TRP A 128 13.74 13.85 0.60
N PHE A 129 14.83 13.30 0.08
CA PHE A 129 15.80 14.09 -0.66
C PHE A 129 15.25 14.73 -1.93
N GLY A 130 13.99 14.44 -2.26
CA GLY A 130 13.39 15.00 -3.45
C GLY A 130 13.40 16.51 -3.49
N ALA A 131 13.14 17.14 -2.34
CA ALA A 131 13.13 18.60 -2.25
C ALA A 131 14.50 19.17 -2.65
N ASP A 132 15.56 18.69 -2.03
CA ASP A 132 16.90 19.19 -2.36
C ASP A 132 17.30 18.85 -3.78
N LEU A 133 17.00 17.63 -4.19
CA LEU A 133 17.33 17.19 -5.53
C LEU A 133 16.58 18.05 -6.56
N ALA A 134 15.32 18.34 -6.29
CA ALA A 134 14.52 19.15 -7.19
C ALA A 134 15.09 20.56 -7.28
N GLU A 135 15.49 21.08 -6.14
CA GLU A 135 16.05 22.42 -6.04
C GLU A 135 17.34 22.63 -6.87
N GLU A 136 18.33 21.76 -6.72
CA GLU A 136 19.56 21.93 -7.48
C GLU A 136 19.34 21.72 -8.99
N MET A 137 18.28 21.00 -9.36
CA MET A 137 17.99 20.77 -10.76
C MET A 137 17.08 21.85 -11.33
N HIS A 138 16.62 22.74 -10.47
CA HIS A 138 15.71 23.81 -10.89
C HIS A 138 14.50 23.11 -11.50
N ALA A 139 13.94 22.17 -10.72
CA ALA A 139 12.79 21.37 -11.09
C ALA A 139 11.76 21.33 -9.98
N LYS A 140 10.52 20.98 -10.32
CA LYS A 140 9.47 20.90 -9.31
C LYS A 140 9.61 19.54 -8.62
N TRP A 141 9.04 19.40 -7.43
CA TRP A 141 9.06 18.14 -6.70
C TRP A 141 7.62 17.75 -6.38
N VAL A 142 7.22 16.58 -6.85
CA VAL A 142 5.88 16.08 -6.60
C VAL A 142 5.96 14.66 -6.03
N PRO A 143 6.06 14.54 -4.70
CA PRO A 143 6.13 13.24 -4.05
C PRO A 143 4.74 12.57 -3.98
N LEU A 144 4.74 11.24 -4.03
CA LEU A 144 3.50 10.44 -3.96
C LEU A 144 3.55 9.53 -2.73
N TRP A 145 2.63 9.75 -1.79
CA TRP A 145 2.52 8.89 -0.62
C TRP A 145 1.58 7.80 -1.07
N THR A 146 2.06 6.56 -1.13
CA THR A 146 1.22 5.46 -1.59
C THR A 146 0.31 4.85 -0.52
N ALA A 147 0.41 5.29 0.73
CA ALA A 147 -0.44 4.74 1.78
C ALA A 147 -1.55 5.73 2.19
N GLY A 148 -2.18 5.50 3.34
CA GLY A 148 -3.27 6.36 3.79
C GLY A 148 -2.95 7.72 4.40
N PRO A 149 -3.94 8.62 4.42
CA PRO A 149 -3.73 9.95 4.98
C PRO A 149 -3.43 9.94 6.47
N HIS A 150 -3.96 8.94 7.17
CA HIS A 150 -3.73 8.86 8.60
C HIS A 150 -2.28 8.50 8.96
N SER A 151 -1.67 7.57 8.25
CA SER A 151 -0.27 7.23 8.56
C SER A 151 0.64 8.40 8.21
N LEU A 152 0.39 9.04 7.06
CA LEU A 152 1.18 10.20 6.65
C LEU A 152 1.17 11.29 7.75
N LEU A 153 -0.03 11.65 8.22
CA LEU A 153 -0.17 12.67 9.26
C LEU A 153 0.67 12.27 10.45
N THR A 154 0.65 10.98 10.79
CA THR A 154 1.43 10.49 11.91
C THR A 154 2.93 10.74 11.67
N HIS A 155 3.39 10.56 10.43
CA HIS A 155 4.80 10.81 10.17
C HIS A 155 5.13 12.28 10.24
N VAL A 156 4.21 13.10 9.76
CA VAL A 156 4.37 14.55 9.80
C VAL A 156 4.49 14.99 11.26
N TYR A 157 3.75 14.33 12.15
CA TYR A 157 3.76 14.66 13.58
C TYR A 157 4.80 13.93 14.40
N THR A 158 5.74 13.26 13.75
CA THR A 158 6.76 12.51 14.48
C THR A 158 7.48 13.32 15.57
N ASP A 159 7.98 14.51 15.24
CA ASP A 159 8.67 15.31 16.26
C ASP A 159 7.77 15.64 17.44
N LEU A 160 6.56 16.11 17.17
CA LEU A 160 5.66 16.43 18.27
C LEU A 160 5.36 15.17 19.08
N ILE A 161 5.05 14.07 18.40
CA ILE A 161 4.76 12.84 19.11
C ILE A 161 5.91 12.43 20.02
N ARG A 162 7.13 12.58 19.53
CA ARG A 162 8.30 12.23 20.32
C ARG A 162 8.38 13.15 21.56
N GLU A 163 8.07 14.43 21.38
CA GLU A 163 8.10 15.39 22.49
C GLU A 163 7.20 14.94 23.63
N LYS A 164 5.89 14.89 23.38
CA LYS A 164 4.94 14.50 24.41
C LYS A 164 4.97 12.98 24.63
N THR A 165 6.17 12.44 24.81
CA THR A 165 6.34 11.01 25.02
C THR A 165 7.54 10.69 25.90
N GLY A 166 7.25 10.11 27.06
CA GLY A 166 8.29 9.73 27.99
C GLY A 166 8.39 8.23 28.07
N SER A 167 8.60 7.70 29.28
CA SER A 167 8.70 6.27 29.47
C SER A 167 7.32 5.61 29.44
N LYS A 168 6.36 6.23 30.11
CA LYS A 168 5.01 5.69 30.15
C LYS A 168 4.44 5.50 28.74
N GLU A 169 4.64 6.50 27.89
CA GLU A 169 4.16 6.47 26.52
C GLU A 169 4.80 5.31 25.74
N VAL A 170 6.11 5.20 25.83
CA VAL A 170 6.86 4.14 25.15
C VAL A 170 6.52 2.74 25.66
N HIS A 171 6.07 2.64 26.90
CA HIS A 171 5.72 1.35 27.49
C HIS A 171 4.20 1.10 27.52
N ASP A 172 3.50 1.63 26.51
CA ASP A 172 2.06 1.46 26.39
C ASP A 172 1.24 1.90 27.60
N VAL A 173 1.90 2.53 28.58
CA VAL A 173 1.19 2.99 29.78
C VAL A 173 0.17 4.03 29.36
N LYS A 174 0.67 5.23 29.03
CA LYS A 174 -0.18 6.33 28.61
C LYS A 174 -0.36 6.26 27.11
N SER A 175 -1.48 6.79 26.62
CA SER A 175 -1.78 6.83 25.20
C SER A 175 -1.54 8.24 24.71
N ILE A 176 -1.80 8.50 23.43
CA ILE A 176 -1.59 9.84 22.88
C ILE A 176 -2.69 10.29 21.94
N ASP A 177 -3.07 11.56 22.04
CA ASP A 177 -4.08 12.12 21.15
C ASP A 177 -3.28 12.66 19.97
N VAL A 178 -2.96 11.77 19.04
CA VAL A 178 -2.18 12.16 17.88
C VAL A 178 -3.01 12.51 16.66
N LEU A 179 -4.06 11.74 16.42
CA LEU A 179 -4.89 11.97 15.23
C LEU A 179 -6.35 12.33 15.46
N PRO A 180 -6.82 13.39 14.77
CA PRO A 180 -8.21 13.82 14.90
C PRO A 180 -9.14 12.68 14.48
N GLY A 181 -10.26 12.52 15.19
CA GLY A 181 -11.21 11.47 14.87
C GLY A 181 -10.67 10.06 14.99
N PHE A 182 -9.68 9.87 15.86
CA PHE A 182 -9.06 8.57 16.06
C PHE A 182 -9.06 8.20 17.54
N PRO A 183 -9.03 6.88 17.83
CA PRO A 183 -9.02 6.43 19.22
C PRO A 183 -7.66 6.89 19.77
N GLU A 184 -7.48 6.86 21.07
CA GLU A 184 -6.20 7.26 21.63
C GLU A 184 -5.24 6.16 21.22
N LEU A 185 -4.01 6.54 20.86
CA LEU A 185 -3.04 5.55 20.41
C LEU A 185 -2.00 5.11 21.43
N LYS A 186 -1.67 3.83 21.37
CA LYS A 186 -0.66 3.24 22.22
C LYS A 186 0.62 3.20 21.36
N ALA A 187 1.77 3.44 21.96
CA ALA A 187 3.04 3.43 21.22
C ALA A 187 3.12 2.25 20.24
N SER A 188 2.77 1.07 20.71
CA SER A 188 2.80 -0.12 19.89
C SER A 188 1.89 -0.03 18.66
N ASP A 189 0.97 0.93 18.66
CA ASP A 189 0.05 1.08 17.53
C ASP A 189 0.59 1.96 16.42
N LEU A 190 1.56 2.82 16.75
CA LEU A 190 2.13 3.72 15.77
C LEU A 190 2.88 3.01 14.66
N PRO A 191 2.84 3.58 13.45
CA PRO A 191 3.54 2.98 12.30
C PRO A 191 4.97 2.78 12.80
N GLU A 192 5.61 1.68 12.46
CA GLU A 192 6.96 1.47 12.97
C GLU A 192 7.95 2.53 12.50
N GLY A 193 8.77 3.00 13.43
CA GLY A 193 9.76 4.02 13.15
C GLY A 193 9.42 5.37 13.78
N VAL A 194 8.14 5.60 14.08
CA VAL A 194 7.74 6.87 14.65
C VAL A 194 8.22 7.05 16.09
N ILE A 195 7.92 6.05 16.92
CA ILE A 195 8.29 6.06 18.34
C ILE A 195 9.19 4.87 18.64
N LYS A 196 9.02 3.79 17.87
CA LYS A 196 9.79 2.56 18.02
C LYS A 196 10.87 2.39 16.94
N ASP A 197 12.09 2.09 17.38
CA ASP A 197 13.22 1.87 16.47
C ASP A 197 13.43 3.02 15.52
N ILE A 198 13.63 4.21 16.08
CA ILE A 198 13.84 5.42 15.30
C ILE A 198 15.27 5.41 14.79
N ASP A 199 15.91 4.25 14.91
CA ASP A 199 17.30 4.09 14.52
C ASP A 199 17.59 3.42 13.18
N VAL A 200 16.75 2.47 12.78
CA VAL A 200 16.97 1.81 11.50
C VAL A 200 16.87 2.84 10.36
N PRO A 201 17.56 2.59 9.24
CA PRO A 201 17.52 3.54 8.12
C PRO A 201 16.08 3.85 7.66
N PHE A 202 15.20 2.86 7.73
CA PHE A 202 13.84 3.11 7.30
C PHE A 202 13.20 4.24 8.09
N ALA A 203 13.34 4.18 9.42
CA ALA A 203 12.77 5.18 10.31
C ALA A 203 13.36 6.57 10.06
N THR A 204 14.68 6.64 9.85
CA THR A 204 15.36 7.91 9.60
C THR A 204 14.85 8.51 8.29
N MET A 205 14.54 7.65 7.33
CA MET A 205 14.04 8.07 6.01
C MET A 205 12.65 8.72 6.13
N LEU A 206 11.74 8.06 6.85
CA LEU A 206 10.38 8.55 7.05
C LEU A 206 10.37 9.84 7.89
N HIS A 207 11.18 9.86 8.95
CA HIS A 207 11.29 11.04 9.82
C HIS A 207 11.64 12.25 8.96
N LYS A 208 12.70 12.13 8.17
CA LYS A 208 13.12 13.21 7.27
C LYS A 208 12.04 13.51 6.23
N MET A 209 11.30 12.48 5.82
CA MET A 209 10.22 12.67 4.84
C MET A 209 9.21 13.61 5.44
N GLY A 210 8.82 13.33 6.68
CA GLY A 210 7.82 14.15 7.36
C GLY A 210 8.18 15.62 7.42
N LEU A 211 9.47 15.90 7.62
CA LEU A 211 9.97 17.27 7.69
C LEU A 211 10.10 17.97 6.35
N GLU A 212 10.46 17.22 5.30
CA GLU A 212 10.65 17.81 3.99
C GLU A 212 9.42 17.98 3.10
N LEU A 213 8.38 17.18 3.28
CA LEU A 213 7.19 17.28 2.42
C LEU A 213 6.58 18.67 2.25
N PRO A 214 6.61 19.50 3.31
CA PRO A 214 6.02 20.84 3.15
C PRO A 214 6.67 21.65 2.03
N ARG A 215 7.88 21.27 1.62
CA ARG A 215 8.59 21.97 0.55
C ARG A 215 8.16 21.56 -0.85
N ALA A 216 7.43 20.45 -0.96
CA ALA A 216 7.00 19.99 -2.28
C ALA A 216 6.02 20.94 -2.94
N ASN A 217 6.00 20.90 -4.27
CA ASN A 217 5.10 21.73 -5.06
C ASN A 217 3.70 21.24 -4.75
N ALA A 218 3.60 19.96 -4.45
CA ALA A 218 2.32 19.35 -4.12
C ALA A 218 2.55 17.91 -3.71
N VAL A 219 1.77 17.45 -2.74
CA VAL A 219 1.88 16.10 -2.27
C VAL A 219 0.69 15.29 -2.77
N ALA A 220 0.96 14.28 -3.58
CA ALA A 220 -0.11 13.43 -4.11
C ALA A 220 -0.26 12.25 -3.16
N ILE A 221 -1.48 11.72 -3.07
CA ILE A 221 -1.71 10.60 -2.18
C ILE A 221 -2.78 9.68 -2.75
N ASN A 222 -2.60 8.39 -2.48
CA ASN A 222 -3.52 7.39 -2.94
C ASN A 222 -4.69 7.34 -1.95
N SER A 223 -5.56 8.34 -2.02
CA SER A 223 -6.71 8.40 -1.14
C SER A 223 -7.76 9.28 -1.81
N PHE A 224 -8.89 9.45 -1.13
CA PHE A 224 -9.95 10.33 -1.63
C PHE A 224 -10.40 11.10 -0.40
N ALA A 225 -10.66 12.40 -0.59
CA ALA A 225 -11.04 13.31 0.49
C ALA A 225 -12.09 12.88 1.52
N THR A 226 -13.17 12.26 1.07
CA THR A 226 -14.22 11.88 2.00
C THR A 226 -13.98 10.61 2.79
N ILE A 227 -12.87 9.91 2.55
CA ILE A 227 -12.61 8.69 3.30
C ILE A 227 -12.55 9.06 4.79
N HIS A 228 -12.13 10.29 5.06
CA HIS A 228 -12.05 10.82 6.41
C HIS A 228 -11.73 12.33 6.38
N PRO A 229 -12.77 13.16 6.26
CA PRO A 229 -12.66 14.62 6.20
C PRO A 229 -11.75 15.28 7.23
N LEU A 230 -11.83 14.88 8.49
CA LEU A 230 -10.99 15.49 9.52
C LEU A 230 -9.49 15.26 9.29
N ILE A 231 -9.14 13.99 9.03
CA ILE A 231 -7.75 13.65 8.79
C ILE A 231 -7.27 14.33 7.52
N GLU A 232 -8.09 14.23 6.47
CA GLU A 232 -7.77 14.83 5.18
C GLU A 232 -7.56 16.35 5.24
N ASN A 233 -8.40 17.04 6.01
CA ASN A 233 -8.29 18.50 6.14
C ASN A 233 -7.04 18.84 6.95
N GLU A 234 -6.80 18.08 8.01
CA GLU A 234 -5.63 18.27 8.86
C GLU A 234 -4.35 18.08 8.02
N LEU A 235 -4.35 17.02 7.21
CA LEU A 235 -3.20 16.69 6.36
C LEU A 235 -2.97 17.81 5.36
N ASN A 236 -4.07 18.26 4.76
CA ASN A 236 -4.04 19.32 3.77
C ASN A 236 -3.37 20.63 4.24
N SER A 237 -3.52 20.95 5.52
CA SER A 237 -2.95 22.17 6.08
C SER A 237 -1.45 22.09 6.39
N LYS A 238 -0.82 20.97 6.03
CA LYS A 238 0.61 20.80 6.29
C LYS A 238 1.43 21.01 5.02
N PHE A 239 0.75 20.95 3.88
CA PHE A 239 1.41 21.06 2.60
C PHE A 239 0.95 22.25 1.75
N LYS A 240 1.75 22.59 0.75
CA LYS A 240 1.41 23.68 -0.14
C LYS A 240 0.16 23.21 -0.88
N LEU A 241 0.13 21.92 -1.17
CA LEU A 241 -1.01 21.31 -1.85
C LEU A 241 -1.06 19.81 -1.56
N LEU A 242 -2.25 19.32 -1.25
CA LEU A 242 -2.46 17.90 -1.03
C LEU A 242 -3.40 17.45 -2.13
N LEU A 243 -2.94 16.57 -3.01
CA LEU A 243 -3.80 16.10 -4.09
C LEU A 243 -4.17 14.63 -3.88
N ASN A 244 -5.45 14.39 -3.57
CA ASN A 244 -5.99 13.05 -3.36
C ASN A 244 -6.33 12.49 -4.75
N VAL A 245 -5.46 11.63 -5.27
CA VAL A 245 -5.66 11.06 -6.60
C VAL A 245 -6.05 9.59 -6.60
N GLY A 246 -6.62 9.12 -5.50
CA GLY A 246 -7.04 7.74 -5.42
C GLY A 246 -8.54 7.60 -5.29
N PRO A 247 -9.03 6.37 -5.05
CA PRO A 247 -8.19 5.18 -4.92
C PRO A 247 -7.63 4.74 -6.27
N PHE A 248 -6.35 4.40 -6.32
CA PHE A 248 -5.74 4.00 -7.58
C PHE A 248 -6.47 2.88 -8.31
N ASN A 249 -7.02 1.94 -7.54
CA ASN A 249 -7.71 0.84 -8.18
C ASN A 249 -8.89 1.34 -9.01
N LEU A 250 -9.21 2.63 -8.88
CA LEU A 250 -10.30 3.23 -9.66
C LEU A 250 -9.78 4.31 -10.61
N THR A 251 -8.87 5.15 -10.13
CA THR A 251 -8.33 6.23 -10.94
C THR A 251 -7.24 5.83 -11.93
N THR A 252 -6.52 4.76 -11.65
CA THR A 252 -5.47 4.31 -12.54
C THR A 252 -5.51 2.78 -12.61
N PRO A 253 -6.62 2.21 -13.13
CA PRO A 253 -6.72 0.75 -13.22
C PRO A 253 -5.93 0.13 -14.36
N GLN A 254 -5.62 -1.16 -14.24
CA GLN A 254 -4.86 -1.86 -15.27
C GLN A 254 -5.70 -2.96 -15.92
N ARG A 255 -5.64 -3.05 -17.25
CA ARG A 255 -6.36 -4.10 -17.99
C ARG A 255 -5.80 -5.44 -17.54
N LYS A 256 -4.62 -5.39 -16.94
CA LYS A 256 -3.93 -6.57 -16.45
C LYS A 256 -4.80 -7.41 -15.54
N VAL A 257 -5.29 -8.54 -16.07
CA VAL A 257 -6.12 -9.46 -15.33
C VAL A 257 -5.63 -10.87 -15.63
N SER A 258 -4.75 -11.37 -14.76
CA SER A 258 -4.20 -12.71 -14.89
C SER A 258 -4.88 -13.65 -13.89
N ASP A 259 -5.32 -14.81 -14.37
CA ASP A 259 -5.99 -15.77 -13.50
C ASP A 259 -5.68 -17.22 -13.90
N GLU A 260 -4.40 -17.52 -14.01
CA GLU A 260 -3.92 -18.83 -14.39
C GLU A 260 -4.56 -19.97 -13.64
N HIS A 261 -4.85 -19.77 -12.36
CA HIS A 261 -5.42 -20.81 -11.53
C HIS A 261 -6.93 -20.93 -11.52
N GLY A 262 -7.61 -20.08 -12.29
CA GLY A 262 -9.06 -20.14 -12.36
C GLY A 262 -9.80 -19.77 -11.09
N CYS A 263 -9.30 -18.76 -10.39
CA CYS A 263 -9.93 -18.34 -9.14
C CYS A 263 -11.35 -17.80 -9.37
N LEU A 264 -11.51 -16.98 -10.40
CA LEU A 264 -12.80 -16.39 -10.71
C LEU A 264 -13.82 -17.44 -11.14
N GLU A 265 -13.43 -18.34 -12.03
CA GLU A 265 -14.38 -19.37 -12.43
C GLU A 265 -14.70 -20.22 -11.21
N TRP A 266 -13.72 -20.42 -10.34
CA TRP A 266 -13.93 -21.21 -9.14
C TRP A 266 -14.95 -20.49 -8.24
N LEU A 267 -14.80 -19.18 -8.09
CA LEU A 267 -15.73 -18.40 -7.26
C LEU A 267 -17.14 -18.39 -7.86
N ASP A 268 -17.24 -18.50 -9.19
CA ASP A 268 -18.55 -18.51 -9.83
C ASP A 268 -19.35 -19.74 -9.40
N GLN A 269 -18.67 -20.82 -9.02
CA GLN A 269 -19.39 -22.02 -8.60
C GLN A 269 -19.80 -21.97 -7.13
N HIS A 270 -19.67 -20.81 -6.50
CA HIS A 270 -20.05 -20.68 -5.09
C HIS A 270 -21.13 -19.64 -4.91
N GLU A 271 -21.88 -19.75 -3.82
CA GLU A 271 -22.95 -18.81 -3.53
C GLU A 271 -22.46 -17.46 -3.03
N ASN A 272 -23.39 -16.51 -2.91
CA ASN A 272 -23.06 -15.17 -2.46
C ASN A 272 -22.54 -15.08 -1.04
N SER A 273 -21.51 -14.27 -0.85
CA SER A 273 -20.93 -14.04 0.46
C SER A 273 -20.62 -15.31 1.24
N SER A 274 -20.08 -16.30 0.55
CA SER A 274 -19.77 -17.57 1.19
C SER A 274 -18.29 -17.87 1.32
N VAL A 275 -17.49 -17.31 0.42
CA VAL A 275 -16.06 -17.58 0.39
C VAL A 275 -15.16 -16.63 1.18
N VAL A 276 -14.17 -17.20 1.85
CA VAL A 276 -13.19 -16.45 2.62
C VAL A 276 -11.96 -16.25 1.73
N TYR A 277 -11.54 -15.01 1.54
CA TYR A 277 -10.35 -14.74 0.74
C TYR A 277 -9.27 -14.36 1.72
N ILE A 278 -8.13 -15.00 1.60
CA ILE A 278 -7.01 -14.77 2.48
C ILE A 278 -5.75 -14.33 1.78
N SER A 279 -5.18 -13.22 2.26
CA SER A 279 -3.93 -12.74 1.74
C SER A 279 -3.31 -11.76 2.72
N PHE A 280 -2.05 -12.01 3.07
CA PHE A 280 -1.32 -11.15 3.99
C PHE A 280 -0.33 -10.26 3.26
N GLY A 281 -0.64 -9.97 2.00
CA GLY A 281 0.21 -9.08 1.24
C GLY A 281 1.19 -9.73 0.31
N SER A 282 2.01 -8.89 -0.32
CA SER A 282 2.99 -9.34 -1.29
C SER A 282 4.17 -10.13 -0.72
N VAL A 283 4.45 -10.01 0.57
CA VAL A 283 5.59 -10.72 1.12
C VAL A 283 5.40 -11.52 2.39
N VAL A 284 4.73 -10.94 3.38
CA VAL A 284 4.53 -11.62 4.66
C VAL A 284 4.19 -13.10 4.57
N THR A 285 4.70 -13.85 5.54
CA THR A 285 4.48 -15.27 5.66
C THR A 285 4.26 -15.47 7.17
N PRO A 286 3.01 -15.61 7.61
CA PRO A 286 2.76 -15.80 9.04
C PRO A 286 3.61 -16.91 9.65
N PRO A 287 3.87 -16.84 10.98
CA PRO A 287 4.68 -17.85 11.66
C PRO A 287 3.98 -19.21 11.60
N PRO A 288 4.76 -20.30 11.56
CA PRO A 288 4.19 -21.64 11.50
C PRO A 288 2.99 -21.89 12.40
N HIS A 289 3.07 -21.49 13.65
CA HIS A 289 1.96 -21.72 14.56
C HIS A 289 0.68 -20.98 14.17
N GLU A 290 0.82 -19.86 13.46
CA GLU A 290 -0.37 -19.13 13.04
C GLU A 290 -0.94 -19.78 11.78
N LEU A 291 -0.06 -20.18 10.87
CA LEU A 291 -0.45 -20.85 9.65
C LEU A 291 -1.25 -22.12 9.96
N THR A 292 -0.77 -22.93 10.91
CA THR A 292 -1.48 -24.16 11.23
C THR A 292 -2.79 -23.86 11.90
N ALA A 293 -2.83 -22.79 12.69
CA ALA A 293 -4.06 -22.40 13.37
C ALA A 293 -5.12 -21.96 12.35
N LEU A 294 -4.67 -21.26 11.31
CA LEU A 294 -5.61 -20.81 10.28
C LEU A 294 -5.98 -22.01 9.42
N ALA A 295 -4.98 -22.83 9.07
CA ALA A 295 -5.24 -24.01 8.25
C ALA A 295 -6.28 -24.87 8.96
N GLU A 296 -5.98 -25.24 10.21
CA GLU A 296 -6.90 -26.06 10.98
C GLU A 296 -8.26 -25.42 11.22
N SER A 297 -8.31 -24.09 11.22
CA SER A 297 -9.58 -23.42 11.44
C SER A 297 -10.38 -23.47 10.14
N LEU A 298 -9.68 -23.34 9.01
CA LEU A 298 -10.35 -23.38 7.71
C LEU A 298 -11.03 -24.74 7.52
N GLU A 299 -10.22 -25.79 7.53
CA GLU A 299 -10.75 -27.15 7.35
C GLU A 299 -11.48 -27.65 8.59
N GLU A 300 -12.14 -26.74 9.30
CA GLU A 300 -12.85 -27.10 10.51
C GLU A 300 -14.20 -26.40 10.56
N CYS A 301 -14.23 -25.15 10.11
CA CYS A 301 -15.49 -24.41 10.08
C CYS A 301 -16.17 -24.64 8.73
N GLY A 302 -15.45 -25.29 7.82
CA GLY A 302 -16.00 -25.60 6.51
C GLY A 302 -16.26 -24.46 5.54
N PHE A 303 -15.75 -23.25 5.82
CA PHE A 303 -15.97 -22.15 4.90
C PHE A 303 -15.16 -22.39 3.62
N PRO A 304 -15.75 -22.11 2.47
CA PRO A 304 -14.99 -22.32 1.23
C PRO A 304 -13.94 -21.20 1.30
N PHE A 305 -12.79 -21.37 0.66
CA PHE A 305 -11.78 -20.33 0.74
C PHE A 305 -10.79 -20.29 -0.42
N ILE A 306 -10.17 -19.13 -0.62
CA ILE A 306 -9.11 -18.96 -1.61
C ILE A 306 -8.00 -18.31 -0.79
N TRP A 307 -6.84 -18.97 -0.75
CA TRP A 307 -5.73 -18.47 0.06
C TRP A 307 -4.53 -18.14 -0.78
N SER A 308 -4.24 -16.84 -0.88
CA SER A 308 -3.05 -16.40 -1.61
C SER A 308 -1.91 -16.65 -0.63
N PHE A 309 -1.18 -17.73 -0.87
CA PHE A 309 -0.08 -18.13 0.00
C PHE A 309 1.29 -17.81 -0.57
N ARG A 310 2.15 -17.22 0.26
CA ARG A 310 3.49 -16.88 -0.16
C ARG A 310 4.40 -18.01 0.31
N GLY A 311 5.04 -18.69 -0.64
CA GLY A 311 5.92 -19.78 -0.27
C GLY A 311 5.41 -21.16 -0.69
N ASP A 312 6.07 -22.20 -0.19
CA ASP A 312 5.71 -23.59 -0.51
C ASP A 312 4.67 -24.12 0.47
N PRO A 313 3.41 -24.24 0.03
CA PRO A 313 2.34 -24.74 0.90
C PRO A 313 2.54 -26.16 1.41
N LYS A 314 3.06 -27.04 0.54
CA LYS A 314 3.29 -28.42 0.95
C LYS A 314 4.38 -28.44 2.03
N GLU A 315 5.09 -27.34 2.18
CA GLU A 315 6.16 -27.24 3.16
C GLU A 315 5.82 -26.40 4.38
N LYS A 316 5.02 -25.35 4.19
CA LYS A 316 4.66 -24.46 5.28
C LYS A 316 3.33 -24.77 5.95
N LEU A 317 2.51 -25.58 5.30
CA LEU A 317 1.22 -25.92 5.85
C LEU A 317 1.20 -27.35 6.38
N PRO A 318 0.24 -27.69 7.25
CA PRO A 318 0.16 -29.04 7.81
C PRO A 318 0.19 -30.13 6.73
N LYS A 319 0.73 -31.30 7.08
CA LYS A 319 0.82 -32.41 6.14
C LYS A 319 -0.57 -32.87 5.74
N GLY A 320 -0.79 -32.99 4.44
CA GLY A 320 -2.08 -33.42 3.93
C GLY A 320 -3.15 -32.35 3.81
N PHE A 321 -2.84 -31.12 4.22
CA PHE A 321 -3.80 -30.00 4.15
C PHE A 321 -4.33 -29.81 2.73
N LEU A 322 -3.42 -29.78 1.76
CA LEU A 322 -3.76 -29.59 0.37
C LEU A 322 -4.76 -30.65 -0.13
N GLU A 323 -4.42 -31.91 0.08
CA GLU A 323 -5.29 -33.00 -0.37
C GLU A 323 -6.61 -33.03 0.40
N ARG A 324 -6.53 -32.75 1.69
CA ARG A 324 -7.71 -32.78 2.56
C ARG A 324 -8.72 -31.65 2.26
N THR A 325 -8.24 -30.54 1.70
CA THR A 325 -9.13 -29.41 1.37
C THR A 325 -9.18 -29.13 -0.14
N LYS A 326 -8.78 -30.09 -0.95
CA LYS A 326 -8.75 -29.89 -2.40
C LYS A 326 -10.06 -29.46 -3.02
N THR A 327 -11.18 -29.71 -2.34
CA THR A 327 -12.47 -29.33 -2.87
C THR A 327 -13.07 -28.13 -2.12
N LYS A 328 -12.59 -27.89 -0.90
CA LYS A 328 -13.09 -26.80 -0.07
C LYS A 328 -12.46 -25.45 -0.38
N GLY A 329 -11.24 -25.45 -0.88
CA GLY A 329 -10.58 -24.18 -1.18
C GLY A 329 -9.44 -24.32 -2.14
N LYS A 330 -8.90 -23.18 -2.55
CA LYS A 330 -7.77 -23.14 -3.47
C LYS A 330 -6.62 -22.43 -2.79
N ILE A 331 -5.40 -22.91 -3.02
CA ILE A 331 -4.23 -22.28 -2.46
C ILE A 331 -3.34 -21.94 -3.62
N VAL A 332 -3.18 -20.64 -3.86
CA VAL A 332 -2.39 -20.18 -4.98
C VAL A 332 -1.21 -19.34 -4.53
N ALA A 333 -0.19 -19.27 -5.37
CA ALA A 333 1.01 -18.49 -5.06
C ALA A 333 0.72 -17.01 -5.25
N TRP A 334 -0.23 -16.70 -6.11
CA TRP A 334 -0.63 -15.32 -6.39
C TRP A 334 -2.04 -15.35 -6.97
N ALA A 335 -2.82 -14.31 -6.73
CA ALA A 335 -4.21 -14.28 -7.19
C ALA A 335 -4.66 -12.93 -7.74
N PRO A 336 -5.72 -12.93 -8.56
CA PRO A 336 -6.26 -11.69 -9.14
C PRO A 336 -7.11 -11.03 -8.04
N GLN A 337 -6.43 -10.56 -7.01
CA GLN A 337 -7.09 -9.95 -5.86
C GLN A 337 -8.14 -8.89 -6.16
N VAL A 338 -7.84 -7.91 -7.02
CA VAL A 338 -8.81 -6.87 -7.26
C VAL A 338 -10.15 -7.44 -7.73
N GLU A 339 -10.09 -8.38 -8.67
CA GLU A 339 -11.30 -9.01 -9.19
C GLU A 339 -11.92 -9.92 -8.13
N ILE A 340 -11.10 -10.61 -7.35
CA ILE A 340 -11.59 -11.49 -6.31
C ILE A 340 -12.49 -10.70 -5.34
N LEU A 341 -11.96 -9.60 -4.84
CA LEU A 341 -12.66 -8.75 -3.88
C LEU A 341 -13.96 -8.15 -4.41
N LYS A 342 -14.07 -7.98 -5.73
CA LYS A 342 -15.29 -7.44 -6.35
C LYS A 342 -16.27 -8.56 -6.68
N HIS A 343 -15.85 -9.81 -6.51
CA HIS A 343 -16.70 -10.95 -6.81
C HIS A 343 -17.74 -11.16 -5.72
N SER A 344 -18.99 -11.29 -6.15
CA SER A 344 -20.13 -11.47 -5.23
C SER A 344 -20.08 -12.69 -4.32
N SER A 345 -19.25 -13.68 -4.64
CA SER A 345 -19.18 -14.87 -3.79
C SER A 345 -18.30 -14.72 -2.55
N VAL A 346 -17.51 -13.66 -2.49
CA VAL A 346 -16.64 -13.44 -1.35
C VAL A 346 -17.38 -12.75 -0.18
N GLY A 347 -17.38 -13.41 0.98
CA GLY A 347 -18.03 -12.87 2.16
C GLY A 347 -17.10 -12.19 3.15
N VAL A 348 -15.79 -12.45 3.05
CA VAL A 348 -14.87 -11.80 3.99
C VAL A 348 -13.44 -11.84 3.47
N PHE A 349 -12.65 -10.86 3.91
CA PHE A 349 -11.26 -10.71 3.49
C PHE A 349 -10.34 -10.73 4.71
N LEU A 350 -9.58 -11.80 4.86
CA LEU A 350 -8.61 -11.91 5.95
C LEU A 350 -7.36 -11.29 5.35
N THR A 351 -6.99 -10.14 5.90
CA THR A 351 -5.89 -9.37 5.38
C THR A 351 -4.86 -8.87 6.41
N HIS A 352 -3.73 -8.38 5.94
CA HIS A 352 -2.72 -7.84 6.85
C HIS A 352 -2.97 -6.32 6.94
N SER A 353 -3.93 -5.85 6.13
CA SER A 353 -4.33 -4.45 6.06
C SER A 353 -3.34 -3.49 5.38
N GLY A 354 -2.66 -3.97 4.35
CA GLY A 354 -1.77 -3.10 3.61
C GLY A 354 -2.74 -2.10 3.00
N TRP A 355 -2.31 -0.88 2.75
CA TRP A 355 -3.23 0.12 2.22
C TRP A 355 -3.87 -0.21 0.88
N ASN A 356 -3.11 -0.70 -0.11
CA ASN A 356 -3.71 -1.00 -1.40
C ASN A 356 -4.80 -2.06 -1.25
N SER A 357 -4.56 -3.05 -0.40
CA SER A 357 -5.55 -4.10 -0.15
C SER A 357 -6.78 -3.52 0.57
N VAL A 358 -6.58 -2.53 1.43
CA VAL A 358 -7.73 -1.92 2.13
C VAL A 358 -8.61 -1.19 1.12
N LEU A 359 -8.00 -0.42 0.21
CA LEU A 359 -8.75 0.32 -0.81
C LEU A 359 -9.45 -0.58 -1.85
N GLU A 360 -8.80 -1.68 -2.23
CA GLU A 360 -9.37 -2.60 -3.21
C GLU A 360 -10.58 -3.30 -2.57
N CYS A 361 -10.49 -3.53 -1.26
CA CYS A 361 -11.56 -4.20 -0.53
C CYS A 361 -12.75 -3.25 -0.36
N ILE A 362 -12.46 -1.98 -0.15
CA ILE A 362 -13.52 -0.99 0.00
C ILE A 362 -14.30 -0.93 -1.31
N VAL A 363 -13.60 -0.95 -2.44
CA VAL A 363 -14.30 -0.90 -3.72
C VAL A 363 -15.05 -2.21 -3.94
N GLY A 364 -14.47 -3.31 -3.45
CA GLY A 364 -15.13 -4.59 -3.60
C GLY A 364 -16.35 -4.71 -2.69
N GLY A 365 -16.35 -3.95 -1.59
CA GLY A 365 -17.45 -3.93 -0.65
C GLY A 365 -17.50 -5.15 0.27
N VAL A 366 -16.34 -5.63 0.67
CA VAL A 366 -16.26 -6.81 1.52
C VAL A 366 -15.72 -6.54 2.91
N PRO A 367 -16.40 -7.07 3.94
CA PRO A 367 -15.91 -6.84 5.31
C PRO A 367 -14.50 -7.42 5.48
N MET A 368 -13.72 -6.86 6.40
CA MET A 368 -12.36 -7.36 6.62
C MET A 368 -12.10 -7.91 8.02
N ILE A 369 -11.11 -8.82 8.09
CA ILE A 369 -10.63 -9.36 9.35
C ILE A 369 -9.16 -8.99 9.18
N SER A 370 -8.61 -8.26 10.13
CA SER A 370 -7.24 -7.79 10.02
C SER A 370 -6.28 -8.37 11.04
N ARG A 371 -5.08 -8.72 10.57
CA ARG A 371 -4.02 -9.25 11.41
C ARG A 371 -2.78 -8.55 10.89
N PRO A 372 -2.55 -7.30 11.32
CA PRO A 372 -1.38 -6.50 10.89
C PRO A 372 -0.04 -7.08 11.31
N PHE A 373 0.98 -6.85 10.48
CA PHE A 373 2.32 -7.36 10.76
C PHE A 373 3.38 -6.28 10.97
N PHE A 374 3.45 -5.30 10.09
CA PHE A 374 4.46 -4.26 10.25
C PHE A 374 4.08 -2.96 9.56
N GLY A 375 5.01 -2.01 9.55
CA GLY A 375 4.78 -0.72 8.92
C GLY A 375 3.56 0.03 9.41
N ASP A 376 2.69 0.42 8.49
CA ASP A 376 1.47 1.17 8.77
C ASP A 376 0.27 0.25 9.00
N GLN A 377 0.49 -1.05 8.92
CA GLN A 377 -0.60 -2.02 9.06
C GLN A 377 -1.43 -1.89 10.34
N GLY A 378 -0.74 -1.69 11.46
CA GLY A 378 -1.43 -1.55 12.72
C GLY A 378 -2.38 -0.37 12.70
N LEU A 379 -1.89 0.77 12.20
CA LEU A 379 -2.74 1.96 12.14
C LEU A 379 -3.88 1.79 11.12
N ASN A 380 -3.67 1.03 10.05
CA ASN A 380 -4.75 0.81 9.08
C ASN A 380 -5.84 -0.07 9.71
N THR A 381 -5.45 -0.94 10.64
CA THR A 381 -6.39 -1.84 11.33
C THR A 381 -7.29 -1.04 12.29
N ILE A 382 -6.68 -0.11 13.01
CA ILE A 382 -7.43 0.73 13.94
C ILE A 382 -8.40 1.57 13.12
N LEU A 383 -7.93 1.99 11.93
CA LEU A 383 -8.74 2.80 11.03
C LEU A 383 -9.96 2.04 10.53
N THR A 384 -9.76 0.79 10.14
CA THR A 384 -10.87 -0.03 9.61
C THR A 384 -11.78 -0.60 10.72
N GLU A 385 -11.20 -0.85 11.89
CA GLU A 385 -11.98 -1.40 13.00
C GLU A 385 -12.69 -0.36 13.88
N SER A 386 -11.92 0.57 14.43
CA SER A 386 -12.43 1.59 15.35
C SER A 386 -12.96 2.88 14.75
N VAL A 387 -12.51 3.21 13.54
CA VAL A 387 -12.95 4.45 12.95
C VAL A 387 -13.98 4.26 11.84
N LEU A 388 -13.65 3.47 10.82
CA LEU A 388 -14.57 3.22 9.71
C LEU A 388 -15.49 2.05 10.02
N GLU A 389 -15.03 1.16 10.89
CA GLU A 389 -15.81 -0.01 11.30
C GLU A 389 -16.29 -0.85 10.13
N ILE A 390 -15.36 -1.16 9.25
CA ILE A 390 -15.63 -1.97 8.06
C ILE A 390 -14.83 -3.27 8.18
N GLY A 391 -14.30 -3.52 9.36
CA GLY A 391 -13.52 -4.71 9.58
C GLY A 391 -13.21 -4.84 11.06
N VAL A 392 -12.70 -6.01 11.45
CA VAL A 392 -12.34 -6.26 12.84
C VAL A 392 -10.94 -6.85 12.91
N GLY A 393 -10.25 -6.59 14.01
CA GLY A 393 -8.92 -7.15 14.17
C GLY A 393 -9.11 -8.44 14.94
N VAL A 394 -8.09 -9.29 15.00
CA VAL A 394 -8.20 -10.53 15.74
C VAL A 394 -7.68 -10.28 17.15
N ASP A 395 -8.26 -10.95 18.14
CA ASP A 395 -7.82 -10.78 19.51
C ASP A 395 -6.30 -10.83 19.62
N ASN A 396 -5.74 -9.91 20.40
CA ASN A 396 -4.30 -9.83 20.64
C ASN A 396 -3.43 -9.66 19.40
N GLY A 397 -4.04 -9.35 18.26
CA GLY A 397 -3.27 -9.18 17.04
C GLY A 397 -2.54 -10.43 16.56
N VAL A 398 -2.99 -11.60 16.99
CA VAL A 398 -2.35 -12.83 16.55
C VAL A 398 -3.41 -13.85 16.11
N LEU A 399 -3.03 -14.73 15.20
CA LEU A 399 -3.93 -15.75 14.70
C LEU A 399 -3.94 -17.02 15.53
N THR A 400 -5.04 -17.28 16.23
CA THR A 400 -5.18 -18.52 16.98
C THR A 400 -6.53 -19.11 16.59
N LYS A 401 -6.67 -20.41 16.76
CA LYS A 401 -7.91 -21.09 16.44
C LYS A 401 -9.07 -20.30 17.07
N GLU A 402 -8.83 -19.82 18.28
CA GLU A 402 -9.82 -19.04 19.03
C GLU A 402 -10.09 -17.65 18.44
N SER A 403 -9.03 -16.88 18.19
CA SER A 403 -9.22 -15.53 17.66
C SER A 403 -9.81 -15.60 16.24
N ILE A 404 -9.37 -16.59 15.48
CA ILE A 404 -9.83 -16.79 14.11
C ILE A 404 -11.31 -17.10 14.06
N LYS A 405 -11.73 -18.12 14.78
CA LYS A 405 -13.13 -18.50 14.77
C LYS A 405 -14.02 -17.36 15.26
N LYS A 406 -13.53 -16.60 16.23
CA LYS A 406 -14.29 -15.47 16.75
C LYS A 406 -14.52 -14.39 15.67
N ALA A 407 -13.47 -14.06 14.93
CA ALA A 407 -13.55 -13.03 13.87
C ALA A 407 -14.41 -13.46 12.69
N LEU A 408 -14.33 -14.74 12.34
CA LEU A 408 -15.10 -15.30 11.22
C LEU A 408 -16.60 -15.27 11.51
N GLU A 409 -16.99 -15.69 12.70
CA GLU A 409 -18.41 -15.71 13.05
C GLU A 409 -19.00 -14.29 13.12
N LEU A 410 -18.21 -13.35 13.63
CA LEU A 410 -18.59 -11.95 13.77
C LEU A 410 -18.81 -11.30 12.39
N THR A 411 -17.96 -11.66 11.44
CA THR A 411 -18.05 -11.10 10.09
C THR A 411 -18.91 -11.95 9.14
N MET A 412 -18.97 -13.25 9.38
CA MET A 412 -19.75 -14.13 8.51
C MET A 412 -21.15 -14.49 8.97
N SER A 413 -21.32 -14.71 10.27
CA SER A 413 -22.62 -15.12 10.80
C SER A 413 -23.24 -14.27 11.90
N SER A 414 -22.85 -13.01 12.02
CA SER A 414 -23.44 -12.17 13.06
C SER A 414 -24.02 -10.91 12.44
N GLU A 415 -24.83 -10.19 13.22
CA GLU A 415 -25.44 -8.96 12.76
C GLU A 415 -24.34 -7.94 12.47
N LYS A 416 -23.24 -8.03 13.22
CA LYS A 416 -22.13 -7.12 13.05
C LYS A 416 -21.57 -7.22 11.65
N GLY A 417 -21.62 -8.42 11.07
CA GLY A 417 -21.13 -8.62 9.73
C GLY A 417 -21.92 -7.77 8.75
N GLY A 418 -23.22 -7.68 9.01
CA GLY A 418 -24.10 -6.90 8.14
C GLY A 418 -23.87 -5.41 8.27
N ILE A 419 -23.71 -4.93 9.49
CA ILE A 419 -23.46 -3.51 9.72
C ILE A 419 -22.14 -3.17 9.02
N MET A 420 -21.15 -4.04 9.18
CA MET A 420 -19.86 -3.82 8.55
C MET A 420 -20.02 -3.69 7.03
N ARG A 421 -20.76 -4.62 6.42
CA ARG A 421 -20.94 -4.56 4.97
C ARG A 421 -21.69 -3.29 4.60
N GLN A 422 -22.68 -2.93 5.40
CA GLN A 422 -23.46 -1.71 5.17
C GLN A 422 -22.56 -0.47 5.10
N LYS A 423 -21.67 -0.35 6.08
CA LYS A 423 -20.77 0.80 6.14
C LYS A 423 -19.75 0.83 5.00
N ILE A 424 -19.14 -0.31 4.70
CA ILE A 424 -18.14 -0.39 3.63
C ILE A 424 -18.83 -0.06 2.29
N VAL A 425 -20.12 -0.39 2.19
CA VAL A 425 -20.88 -0.08 0.98
C VAL A 425 -21.07 1.43 0.85
N LYS A 426 -21.32 2.11 1.96
CA LYS A 426 -21.49 3.57 1.93
C LYS A 426 -20.14 4.16 1.49
N LEU A 427 -19.07 3.62 2.05
CA LEU A 427 -17.72 4.06 1.74
C LEU A 427 -17.41 3.87 0.26
N LYS A 428 -17.75 2.69 -0.26
CA LYS A 428 -17.52 2.37 -1.66
C LYS A 428 -18.18 3.40 -2.57
N GLU A 429 -19.40 3.78 -2.20
CA GLU A 429 -20.12 4.77 -2.99
C GLU A 429 -19.42 6.13 -2.91
N SER A 430 -18.89 6.48 -1.75
CA SER A 430 -18.18 7.74 -1.61
C SER A 430 -16.97 7.73 -2.54
N ALA A 431 -16.31 6.58 -2.65
CA ALA A 431 -15.15 6.44 -3.53
C ALA A 431 -15.54 6.69 -5.00
N PHE A 432 -16.56 5.97 -5.46
CA PHE A 432 -17.03 6.13 -6.83
C PHE A 432 -17.38 7.57 -7.14
N LYS A 433 -17.98 8.27 -6.18
CA LYS A 433 -18.34 9.67 -6.39
C LYS A 433 -17.10 10.54 -6.55
N ALA A 434 -16.06 10.27 -5.76
CA ALA A 434 -14.81 11.03 -5.81
C ALA A 434 -14.13 10.92 -7.17
N VAL A 435 -14.31 9.77 -7.82
CA VAL A 435 -13.68 9.52 -9.11
C VAL A 435 -14.53 9.86 -10.34
N GLU A 436 -15.76 10.35 -10.14
CA GLU A 436 -16.63 10.73 -11.27
C GLU A 436 -15.98 11.90 -12.00
N GLN A 437 -16.41 12.14 -13.23
CA GLN A 437 -15.84 13.22 -14.05
C GLN A 437 -15.49 14.50 -13.30
N ASN A 438 -16.36 14.97 -12.43
CA ASN A 438 -16.05 16.18 -11.68
C ASN A 438 -15.90 15.94 -10.19
N GLY A 439 -15.61 14.69 -9.83
CA GLY A 439 -15.43 14.36 -8.43
C GLY A 439 -14.15 14.95 -7.89
N THR A 440 -13.98 14.91 -6.57
CA THR A 440 -12.78 15.47 -5.95
C THR A 440 -11.45 14.85 -6.42
N SER A 441 -11.43 13.54 -6.67
CA SER A 441 -10.17 12.92 -7.12
C SER A 441 -9.88 13.20 -8.58
N ALA A 442 -10.90 13.11 -9.42
CA ALA A 442 -10.73 13.38 -10.84
C ALA A 442 -10.12 14.77 -10.97
N MET A 443 -10.62 15.71 -10.18
CA MET A 443 -10.12 17.08 -10.21
C MET A 443 -8.70 17.22 -9.70
N ASP A 444 -8.36 16.55 -8.61
CA ASP A 444 -7.00 16.68 -8.11
C ASP A 444 -6.05 16.05 -9.13
N PHE A 445 -6.54 15.03 -9.82
CA PHE A 445 -5.74 14.32 -10.82
C PHE A 445 -5.44 15.22 -12.00
N THR A 446 -6.42 16.06 -12.35
CA THR A 446 -6.24 16.99 -13.46
C THR A 446 -5.22 18.04 -13.02
N THR A 447 -5.31 18.45 -11.76
CA THR A 447 -4.38 19.44 -11.23
C THR A 447 -2.97 18.80 -11.24
N LEU A 448 -2.88 17.57 -10.75
CA LEU A 448 -1.62 16.83 -10.70
C LEU A 448 -1.00 16.79 -12.09
N ILE A 449 -1.78 16.43 -13.10
CA ILE A 449 -1.28 16.35 -14.46
C ILE A 449 -0.73 17.70 -14.96
N GLN A 450 -1.45 18.78 -14.69
CA GLN A 450 -1.03 20.12 -15.10
C GLN A 450 0.30 20.51 -14.46
N ILE A 451 0.43 20.27 -13.17
CA ILE A 451 1.66 20.62 -12.47
C ILE A 451 2.84 19.84 -13.03
N VAL A 452 2.63 18.54 -13.22
CA VAL A 452 3.67 17.66 -13.73
C VAL A 452 4.08 17.92 -15.18
N THR A 453 3.13 18.32 -16.02
CA THR A 453 3.42 18.57 -17.44
C THR A 453 3.52 20.03 -17.86
N SER A 454 3.70 20.94 -16.91
CA SER A 454 3.83 22.35 -17.23
C SER A 454 5.21 22.83 -16.84
N1 UDP B . -1.88 -8.86 -4.57
C2 UDP B . -2.42 -9.55 -5.68
N3 UDP B . -2.62 -10.93 -5.60
C4 UDP B . -2.28 -11.63 -4.43
C5 UDP B . -1.75 -10.95 -3.34
C6 UDP B . -1.55 -9.57 -3.42
O2 UDP B . -2.66 -8.96 -6.73
O4 UDP B . -2.44 -12.85 -4.38
C1' UDP B . -1.71 -7.40 -4.62
C2' UDP B . -2.87 -6.70 -3.91
O2' UDP B . -3.94 -6.56 -4.85
C3' UDP B . -2.26 -5.34 -3.60
C4' UDP B . -0.78 -5.66 -3.40
O4' UDP B . -0.56 -7.01 -3.85
O3' UDP B . -2.42 -4.45 -4.70
C5' UDP B . -0.43 -5.60 -1.90
O5' UDP B . -0.27 -4.24 -1.49
PA UDP B . -0.64 -3.79 0.00
O1A UDP B . -0.37 -2.33 0.14
O2A UDP B . -2.02 -4.25 0.31
O3A UDP B . 0.34 -4.62 0.97
PB UDP B . 1.91 -4.90 0.66
O1B UDP B . 2.12 -5.85 -0.47
O2B UDP B . 2.49 -5.43 2.06
O3B UDP B . 2.60 -3.48 0.40
C1 MYC C . 11.86 -2.39 7.65
C2 MYC C . 10.94 -2.42 6.57
C3 MYC C . 9.85 -1.51 6.56
C4 MYC C . 9.69 -0.58 7.66
C5 MYC C . 10.60 -0.58 8.72
C6 MYC C . 11.69 -1.47 8.72
C9 MYC C . 8.85 -1.48 5.45
C10 MYC C . 7.78 -0.52 5.52
C11 MYC C . 7.71 0.35 6.63
C14 MYC C . 6.66 1.40 6.80
C15 MYC C . 6.66 2.15 8.02
C16 MYC C . 5.73 3.16 8.25
C17 MYC C . 4.76 3.48 7.25
C18 MYC C . 4.73 2.75 6.03
C19 MYC C . 5.68 1.72 5.80
O12 MYC C . 8.65 0.28 7.64
O13 MYC C . 8.94 -2.24 4.50
O23 MYC C . 3.80 3.04 5.06
O24 MYC C . 3.85 4.46 7.46
O25 MYC C . 5.79 3.82 9.42
O27 MYC C . 6.88 -0.49 4.50
O29 MYC C . 12.58 -1.45 9.74
O30 MYC C . 11.12 -3.29 5.55
#